data_5SR4
#
_entry.id   5SR4
#
_cell.length_a   88.818
_cell.length_b   88.818
_cell.length_c   39.540
_cell.angle_alpha   90.000
_cell.angle_beta   90.000
_cell.angle_gamma   90.000
#
_symmetry.space_group_name_H-M   'P 43'
#
loop_
_entity.id
_entity.type
_entity.pdbx_description
1 polymer 'Non-structural protein 3'
2 non-polymer (1S,3R)-3-[(7-fluoro-9H-pyrimido[4,5-b]indol-4-yl)amino]cyclopentan-1-ol
3 non-polymer (1R,3S)-3-[(7-fluoro-9H-pyrimido[4,5-b]indol-4-yl)amino]cyclopentan-1-ol
4 water water
#
_entity_poly.entity_id   1
_entity_poly.type   'polypeptide(L)'
_entity_poly.pdbx_seq_one_letter_code
;SMVNSFSGYLKLTDNVYIKNADIVEEAKKVKPTVVVNAANVYLKHGGGVAGALNKATNNAMQVESDDYIATNGPLKVGGS
CVLSGHNLAKHCLHVVGPNVNKGEDIQLLKSAYENFNQHEVLLAPLLSAGIFGADPIHSLRVCVDTVRTNVYLAVFDKNL
YDKLVSSFL
;
_entity_poly.pdbx_strand_id   A,B
#
# COMPACT_ATOMS: atom_id res chain seq x y z
N VAL A 3 13.75 -18.64 10.27
CA VAL A 3 13.44 -18.54 11.69
C VAL A 3 13.56 -17.07 12.14
N ASN A 4 12.55 -16.58 12.87
CA ASN A 4 12.58 -15.26 13.48
C ASN A 4 12.32 -15.40 14.99
N SER A 5 12.35 -14.27 15.71
CA SER A 5 12.35 -14.18 17.17
C SER A 5 10.95 -14.01 17.77
N PHE A 6 9.89 -13.99 16.97
CA PHE A 6 8.54 -13.89 17.51
C PHE A 6 8.16 -15.19 18.24
N SER A 7 7.57 -15.08 19.45
CA SER A 7 7.34 -16.21 20.34
C SER A 7 5.90 -16.22 20.86
N GLY A 8 5.31 -17.43 21.00
CA GLY A 8 3.99 -17.55 21.61
C GLY A 8 2.83 -17.23 20.69
N TYR A 9 3.03 -17.13 19.38
CA TYR A 9 1.95 -16.82 18.45
C TYR A 9 1.23 -18.08 18.01
N LEU A 10 -0.06 -17.94 17.81
N LEU A 10 -0.09 -17.91 17.75
CA LEU A 10 -0.82 -18.95 17.14
CA LEU A 10 -0.95 -18.96 17.18
C LEU A 10 -0.76 -18.70 15.65
C LEU A 10 -1.00 -18.75 15.67
N LYS A 11 -0.63 -19.78 14.89
CA LYS A 11 -0.54 -19.68 13.44
C LYS A 11 -1.95 -19.77 12.85
N LEU A 12 -2.38 -18.74 12.12
CA LEU A 12 -3.71 -18.77 11.51
C LEU A 12 -3.65 -19.29 10.07
N THR A 13 -2.64 -18.88 9.33
CA THR A 13 -2.46 -19.25 7.93
C THR A 13 -0.98 -19.45 7.65
N ASP A 14 -0.66 -19.67 6.37
CA ASP A 14 0.73 -19.78 5.96
C ASP A 14 1.55 -18.59 6.44
N ASN A 15 0.96 -17.38 6.44
CA ASN A 15 1.73 -16.16 6.67
C ASN A 15 1.22 -15.25 7.78
N VAL A 16 0.11 -15.57 8.42
CA VAL A 16 -0.49 -14.73 9.46
C VAL A 16 -0.47 -15.46 10.80
N TYR A 17 0.02 -14.76 11.81
CA TYR A 17 0.16 -15.25 13.19
C TYR A 17 -0.49 -14.24 14.12
N ILE A 18 -0.98 -14.70 15.29
CA ILE A 18 -1.70 -13.83 16.22
C ILE A 18 -1.37 -14.19 17.66
N LYS A 19 -1.35 -13.16 18.52
CA LYS A 19 -1.02 -13.32 19.94
C LYS A 19 -1.77 -12.27 20.75
N ASN A 20 -2.08 -12.62 21.97
N ASN A 20 -2.16 -12.67 21.98
CA ASN A 20 -2.58 -11.66 22.92
CA ASN A 20 -2.84 -11.79 22.93
C ASN A 20 -1.38 -10.97 23.53
C ASN A 20 -1.77 -11.03 23.71
N ALA A 21 -1.12 -9.72 23.11
N ALA A 21 -1.39 -9.84 23.22
CA ALA A 21 0.08 -9.02 23.57
CA ALA A 21 -0.30 -9.10 23.84
C ALA A 21 -0.17 -7.52 23.45
C ALA A 21 -0.38 -7.62 23.44
N ASP A 22 0.59 -6.78 24.25
N ASP A 22 0.24 -6.76 24.28
CA ASP A 22 0.72 -5.34 24.14
CA ASP A 22 0.36 -5.34 23.95
C ASP A 22 1.79 -5.06 23.10
C ASP A 22 1.44 -5.17 22.88
N ILE A 23 1.40 -4.44 21.97
N ILE A 23 1.11 -4.51 21.77
CA ILE A 23 2.33 -4.22 20.86
CA ILE A 23 2.10 -4.35 20.69
C ILE A 23 3.54 -3.43 21.30
C ILE A 23 3.31 -3.53 21.16
N VAL A 24 3.38 -2.52 22.27
N VAL A 24 3.10 -2.55 22.05
CA VAL A 24 4.53 -1.76 22.77
CA VAL A 24 4.19 -1.78 22.63
C VAL A 24 5.53 -2.68 23.45
C VAL A 24 5.19 -2.68 23.36
N GLU A 25 5.04 -3.56 24.32
N GLU A 25 4.69 -3.57 24.23
CA GLU A 25 5.92 -4.50 25.00
CA GLU A 25 5.57 -4.46 25.01
C GLU A 25 6.43 -5.53 24.03
C GLU A 25 6.30 -5.45 24.10
N GLU A 26 5.59 -5.96 23.10
CA GLU A 26 6.11 -6.89 22.11
C GLU A 26 7.22 -6.24 21.28
N ALA A 27 7.03 -4.99 20.86
CA ALA A 27 8.06 -4.29 20.09
C ALA A 27 9.34 -4.12 20.92
N LYS A 28 9.19 -3.72 22.19
CA LYS A 28 10.35 -3.54 23.06
C LYS A 28 11.18 -4.81 23.19
N LYS A 29 10.56 -5.97 23.11
N LYS A 29 10.51 -5.97 23.22
CA LYS A 29 11.33 -7.19 23.31
CA LYS A 29 11.16 -7.27 23.40
C LYS A 29 11.88 -7.74 22.03
C LYS A 29 11.80 -7.78 22.11
N VAL A 30 11.08 -7.73 20.98
CA VAL A 30 11.52 -8.29 19.71
C VAL A 30 12.44 -7.33 18.96
N LYS A 31 12.16 -6.02 19.04
CA LYS A 31 12.85 -5.02 18.23
C LYS A 31 12.74 -5.43 16.75
N PRO A 32 11.52 -5.58 16.25
CA PRO A 32 11.31 -6.04 14.88
C PRO A 32 11.84 -5.02 13.88
N THR A 33 12.08 -5.49 12.65
CA THR A 33 12.45 -4.59 11.57
C THR A 33 11.36 -3.54 11.34
N VAL A 34 10.09 -3.95 11.39
CA VAL A 34 8.96 -3.06 11.15
C VAL A 34 7.89 -3.29 12.22
N VAL A 35 7.50 -2.21 12.90
CA VAL A 35 6.26 -2.17 13.69
C VAL A 35 5.28 -1.27 12.95
N VAL A 36 4.03 -1.71 12.86
CA VAL A 36 2.97 -0.93 12.23
C VAL A 36 2.26 -0.10 13.28
N ASN A 37 2.08 1.19 12.99
CA ASN A 37 1.24 2.08 13.77
C ASN A 37 -0.12 2.23 13.11
N ALA A 38 -1.17 2.25 13.94
CA ALA A 38 -2.53 2.57 13.56
C ALA A 38 -2.67 4.10 13.53
N ALA A 39 -2.19 4.69 12.44
CA ALA A 39 -2.07 6.13 12.29
C ALA A 39 -3.35 6.76 11.75
N ASN A 40 -3.46 8.08 11.92
CA ASN A 40 -4.41 8.91 11.18
C ASN A 40 -3.64 9.76 10.16
N VAL A 41 -4.38 10.43 9.28
CA VAL A 41 -3.76 11.13 8.16
C VAL A 41 -2.86 12.26 8.59
N TYR A 42 -3.07 12.80 9.79
CA TYR A 42 -2.28 13.91 10.32
C TYR A 42 -1.11 13.44 11.16
N LEU A 43 -0.95 12.12 11.31
CA LEU A 43 0.05 11.53 12.22
C LEU A 43 -0.01 12.17 13.60
N LYS A 44 -1.22 12.41 14.09
CA LYS A 44 -1.44 12.91 15.46
C LYS A 44 -1.67 11.69 16.35
N HIS A 45 -0.65 11.32 17.11
N HIS A 45 -0.65 11.33 17.14
CA HIS A 45 -0.64 10.03 17.82
CA HIS A 45 -0.68 10.14 17.99
C HIS A 45 -1.19 10.21 19.24
C HIS A 45 -1.09 10.55 19.40
N GLY A 46 -2.49 10.44 19.31
N GLY A 46 -2.41 10.66 19.63
CA GLY A 46 -3.08 10.85 20.57
CA GLY A 46 -2.92 10.98 20.96
C GLY A 46 -3.58 9.74 21.47
C GLY A 46 -3.36 9.78 21.78
N GLY A 47 -4.01 8.63 20.86
N GLY A 47 -4.00 8.78 21.16
CA GLY A 47 -4.62 7.57 21.64
CA GLY A 47 -4.49 7.63 21.91
C GLY A 47 -4.63 6.26 20.87
C GLY A 47 -4.42 6.34 21.12
N GLY A 48 -5.23 5.25 21.47
N GLY A 48 -4.91 5.25 21.74
CA GLY A 48 -5.18 3.94 20.88
CA GLY A 48 -4.91 3.93 21.11
C GLY A 48 -3.76 3.44 20.78
C GLY A 48 -3.49 3.38 20.91
N VAL A 49 -3.52 2.60 19.76
N VAL A 49 -3.32 2.54 19.87
CA VAL A 49 -2.18 2.08 19.50
CA VAL A 49 -2.00 2.04 19.52
C VAL A 49 -1.18 3.21 19.30
C VAL A 49 -1.07 3.22 19.27
N ALA A 50 -1.54 4.20 18.51
CA ALA A 50 -0.69 5.34 18.18
C ALA A 50 -0.25 6.09 19.43
N GLY A 51 -1.19 6.44 20.30
CA GLY A 51 -0.82 7.15 21.52
C GLY A 51 0.10 6.32 22.40
N ALA A 52 -0.14 5.00 22.47
CA ALA A 52 0.71 4.14 23.27
C ALA A 52 2.10 3.98 22.66
N LEU A 53 2.20 3.77 21.35
CA LEU A 53 3.52 3.70 20.72
C LEU A 53 4.27 5.01 20.91
N ASN A 54 3.58 6.14 20.68
CA ASN A 54 4.27 7.42 20.79
C ASN A 54 4.75 7.67 22.22
N LYS A 55 3.91 7.34 23.22
CA LYS A 55 4.30 7.50 24.62
C LYS A 55 5.56 6.70 24.92
N ALA A 56 5.65 5.47 24.39
CA ALA A 56 6.81 4.63 24.62
C ALA A 56 8.09 5.21 24.01
N THR A 57 7.98 6.05 22.98
CA THR A 57 9.13 6.76 22.40
C THR A 57 9.41 8.09 23.08
N ASN A 58 8.73 8.41 24.19
CA ASN A 58 8.95 9.68 24.90
C ASN A 58 8.63 10.86 23.98
N ASN A 59 7.64 10.70 23.10
CA ASN A 59 7.13 11.72 22.17
C ASN A 59 8.07 11.93 20.98
N ALA A 60 9.15 11.17 20.83
CA ALA A 60 10.00 11.35 19.66
C ALA A 60 9.28 10.99 18.37
N MET A 61 8.40 9.99 18.41
CA MET A 61 7.59 9.66 17.24
C MET A 61 6.75 10.87 16.79
N GLN A 62 6.13 11.57 17.73
CA GLN A 62 5.32 12.74 17.38
C GLN A 62 6.17 13.87 16.79
N VAL A 63 7.35 14.12 17.37
CA VAL A 63 8.22 15.17 16.85
C VAL A 63 8.62 14.88 15.41
N GLU A 64 9.02 13.62 15.15
CA GLU A 64 9.39 13.23 13.79
C GLU A 64 8.20 13.35 12.85
N SER A 65 7.02 12.94 13.33
CA SER A 65 5.81 12.96 12.51
C SER A 65 5.40 14.39 12.16
N ASP A 66 5.53 15.32 13.10
CA ASP A 66 5.16 16.70 12.81
C ASP A 66 6.04 17.29 11.72
N ASP A 67 7.34 16.95 11.73
CA ASP A 67 8.22 17.39 10.65
C ASP A 67 7.82 16.74 9.32
N TYR A 68 7.45 15.44 9.34
CA TYR A 68 7.01 14.77 8.11
C TYR A 68 5.80 15.49 7.51
N ILE A 69 4.79 15.79 8.34
CA ILE A 69 3.57 16.44 7.85
C ILE A 69 3.87 17.85 7.36
N ALA A 70 4.72 18.58 8.07
CA ALA A 70 5.05 19.94 7.63
C ALA A 70 5.69 19.94 6.25
N THR A 71 6.45 18.89 5.92
CA THR A 71 7.08 18.79 4.61
C THR A 71 6.15 18.23 3.55
N ASN A 72 5.37 17.20 3.87
CA ASN A 72 4.68 16.38 2.87
C ASN A 72 3.16 16.54 2.88
N GLY A 73 2.57 17.15 3.90
CA GLY A 73 1.14 17.18 4.04
C GLY A 73 0.59 15.83 4.51
N PRO A 74 -0.71 15.77 4.70
CA PRO A 74 -1.33 14.57 5.26
C PRO A 74 -1.21 13.35 4.36
N LEU A 75 -1.27 12.19 5.00
CA LEU A 75 -1.43 10.93 4.27
C LEU A 75 -2.85 10.83 3.70
N LYS A 76 -3.04 9.83 2.85
CA LYS A 76 -4.35 9.41 2.37
C LYS A 76 -4.91 8.34 3.30
N VAL A 77 -6.23 8.31 3.49
CA VAL A 77 -6.86 7.14 4.10
C VAL A 77 -6.59 5.94 3.21
N GLY A 78 -6.04 4.86 3.78
CA GLY A 78 -5.57 3.72 3.03
C GLY A 78 -4.09 3.78 2.71
N GLY A 79 -3.43 4.90 2.99
CA GLY A 79 -2.03 5.06 2.69
C GLY A 79 -1.11 4.86 3.89
N SER A 80 0.18 5.11 3.66
CA SER A 80 1.18 4.84 4.68
C SER A 80 2.42 5.68 4.41
N CYS A 81 3.28 5.74 5.43
CA CYS A 81 4.65 6.21 5.27
C CYS A 81 5.55 5.44 6.23
N VAL A 82 6.83 5.33 5.84
CA VAL A 82 7.85 4.70 6.66
C VAL A 82 8.64 5.78 7.39
N LEU A 83 8.67 5.71 8.71
CA LEU A 83 9.46 6.60 9.53
C LEU A 83 10.30 5.74 10.49
N SER A 84 11.05 6.41 11.36
CA SER A 84 11.87 5.69 12.33
C SER A 84 11.03 4.86 13.29
N GLY A 85 11.58 3.72 13.72
CA GLY A 85 10.99 2.94 14.79
C GLY A 85 11.47 3.34 16.16
N HIS A 86 12.36 4.33 16.24
CA HIS A 86 12.84 4.85 17.53
C HIS A 86 13.38 3.70 18.37
N ASN A 87 13.00 3.60 19.64
CA ASN A 87 13.45 2.56 20.54
C ASN A 87 12.63 1.28 20.41
N LEU A 88 11.67 1.23 19.50
CA LEU A 88 10.74 0.10 19.42
C LEU A 88 11.02 -0.87 18.30
N ALA A 89 11.65 -0.42 17.21
CA ALA A 89 11.80 -1.19 15.98
C ALA A 89 12.80 -0.44 15.12
N LYS A 90 13.29 -1.08 14.06
CA LYS A 90 14.09 -0.33 13.10
C LYS A 90 13.26 0.76 12.44
N HIS A 91 12.09 0.40 11.93
CA HIS A 91 11.19 1.27 11.21
C HIS A 91 9.79 1.19 11.79
N CYS A 92 9.05 2.27 11.68
CA CYS A 92 7.61 2.27 11.92
C CYS A 92 6.89 2.54 10.62
N LEU A 93 6.04 1.61 10.20
CA LEU A 93 5.14 1.82 9.07
C LEU A 93 3.83 2.38 9.61
N HIS A 94 3.61 3.68 9.38
CA HIS A 94 2.38 4.34 9.80
C HIS A 94 1.34 4.08 8.73
N VAL A 95 0.29 3.34 9.07
CA VAL A 95 -0.75 2.96 8.11
C VAL A 95 -2.07 3.53 8.56
N VAL A 96 -2.79 4.17 7.64
CA VAL A 96 -4.08 4.79 7.94
C VAL A 96 -5.19 3.88 7.46
N GLY A 97 -5.83 3.17 8.39
CA GLY A 97 -7.07 2.50 8.07
C GLY A 97 -8.23 3.48 8.18
N PRO A 98 -9.35 3.16 7.54
CA PRO A 98 -10.53 4.02 7.67
C PRO A 98 -11.03 4.05 9.10
N ASN A 99 -11.45 5.24 9.55
CA ASN A 99 -12.04 5.43 10.87
C ASN A 99 -13.55 5.51 10.69
N VAL A 100 -14.24 4.45 11.13
CA VAL A 100 -15.70 4.38 11.04
C VAL A 100 -16.34 5.51 11.85
N ASN A 101 -15.68 5.92 12.97
N ASN A 101 -15.74 5.89 12.98
CA ASN A 101 -16.20 7.02 13.77
CA ASN A 101 -16.27 7.00 13.78
C ASN A 101 -16.06 8.38 13.10
C ASN A 101 -16.08 8.37 13.12
N LYS A 102 -15.46 8.43 11.93
CA LYS A 102 -15.41 9.64 11.08
C LYS A 102 -16.17 9.44 9.76
N GLY A 103 -16.81 8.29 9.55
CA GLY A 103 -17.56 8.00 8.33
C GLY A 103 -16.77 7.56 7.10
N GLU A 104 -15.55 7.05 7.25
CA GLU A 104 -14.71 6.67 6.11
C GLU A 104 -15.10 5.28 5.58
N ASP A 105 -14.82 5.07 4.32
N ASP A 105 -14.83 5.08 4.27
CA ASP A 105 -15.30 3.91 3.61
CA ASP A 105 -15.26 3.90 3.51
C ASP A 105 -14.49 2.69 4.02
C ASP A 105 -14.48 2.67 3.97
N ILE A 106 -15.19 1.66 4.50
CA ILE A 106 -14.54 0.46 5.03
C ILE A 106 -13.83 -0.31 3.93
N GLN A 107 -14.23 -0.14 2.66
CA GLN A 107 -13.53 -0.75 1.53
C GLN A 107 -12.08 -0.31 1.50
N LEU A 108 -11.75 0.82 2.13
CA LEU A 108 -10.38 1.29 2.14
C LEU A 108 -9.52 0.46 3.08
N LEU A 109 -10.13 -0.42 3.87
CA LEU A 109 -9.35 -1.27 4.75
C LEU A 109 -8.44 -2.19 3.95
N LYS A 110 -8.92 -2.72 2.82
CA LYS A 110 -8.06 -3.58 2.00
C LYS A 110 -6.85 -2.80 1.48
N SER A 111 -7.08 -1.59 0.97
CA SER A 111 -5.97 -0.73 0.52
C SER A 111 -4.97 -0.50 1.64
N ALA A 112 -5.46 -0.28 2.86
CA ALA A 112 -4.56 -0.07 4.00
C ALA A 112 -3.67 -1.28 4.24
N TYR A 113 -4.26 -2.48 4.24
CA TYR A 113 -3.46 -3.69 4.45
C TYR A 113 -2.48 -3.95 3.31
N GLU A 114 -2.78 -3.50 2.08
CA GLU A 114 -1.84 -3.72 0.98
C GLU A 114 -0.47 -3.11 1.27
N ASN A 115 -0.42 -2.05 2.08
CA ASN A 115 0.88 -1.47 2.43
C ASN A 115 1.78 -2.49 3.11
N PHE A 116 1.21 -3.46 3.83
CA PHE A 116 2.05 -4.44 4.52
C PHE A 116 2.86 -5.28 3.53
N ASN A 117 2.39 -5.43 2.28
CA ASN A 117 3.05 -6.30 1.32
C ASN A 117 4.40 -5.75 0.86
N GLN A 118 4.72 -4.50 1.20
CA GLN A 118 6.02 -3.92 0.86
C GLN A 118 7.10 -4.29 1.87
N HIS A 119 6.77 -5.10 2.88
CA HIS A 119 7.67 -5.47 3.96
C HIS A 119 7.59 -6.97 4.22
N GLU A 120 8.74 -7.62 4.26
CA GLU A 120 8.76 -9.08 4.34
C GLU A 120 8.18 -9.61 5.65
N VAL A 121 8.42 -8.90 6.76
CA VAL A 121 7.97 -9.31 8.11
C VAL A 121 7.53 -8.06 8.87
N LEU A 122 6.40 -8.13 9.58
CA LEU A 122 5.89 -6.98 10.33
C LEU A 122 5.25 -7.45 11.63
N LEU A 123 5.40 -6.64 12.66
CA LEU A 123 4.58 -6.70 13.88
C LEU A 123 3.50 -5.64 13.74
N ALA A 124 2.24 -5.99 13.92
N ALA A 124 2.24 -6.05 13.87
CA ALA A 124 1.17 -5.07 13.57
CA ALA A 124 1.19 -5.10 13.59
C ALA A 124 -0.04 -5.25 14.49
C ALA A 124 -0.04 -5.35 14.45
N PRO A 125 -0.83 -4.19 14.64
N PRO A 125 -0.90 -4.35 14.58
CA PRO A 125 -2.17 -4.31 15.19
CA PRO A 125 -2.19 -4.50 15.27
C PRO A 125 -3.17 -4.58 14.07
C PRO A 125 -3.27 -4.77 14.24
N LEU A 126 -4.38 -4.94 14.46
N LEU A 126 -4.51 -4.95 14.67
CA LEU A 126 -5.46 -5.03 13.50
CA LEU A 126 -5.64 -5.03 13.73
C LEU A 126 -5.91 -3.64 13.06
C LEU A 126 -6.07 -3.62 13.33
N LEU A 127 -5.77 -3.36 11.77
N LEU A 127 -6.01 -3.32 12.03
CA LEU A 127 -6.11 -2.03 11.27
CA LEU A 127 -6.34 -1.98 11.53
C LEU A 127 -7.59 -1.75 11.42
C LEU A 127 -7.85 -1.72 11.62
N SER A 128 -7.88 -0.49 11.75
N SER A 128 -8.21 -0.45 11.87
CA SER A 128 -9.23 0.04 11.93
CA SER A 128 -9.59 0.05 11.92
C SER A 128 -9.97 -0.55 13.14
C SER A 128 -10.43 -0.45 13.10
N ALA A 129 -9.29 -1.36 13.96
N ALA A 129 -9.90 -1.25 14.02
CA ALA A 129 -9.89 -1.88 15.18
CA ALA A 129 -10.69 -1.74 15.14
C ALA A 129 -9.82 -0.82 16.29
C ALA A 129 -10.50 -0.84 16.36
N GLY A 130 -10.22 -1.19 17.50
N GLY A 130 -10.84 -1.35 17.55
CA GLY A 130 -10.12 -0.29 18.63
CA GLY A 130 -10.76 -0.56 18.77
C GLY A 130 -10.91 0.98 18.36
C GLY A 130 -11.41 0.80 18.55
N ILE A 131 -10.28 2.13 18.68
N ILE A 131 -10.66 1.87 18.83
CA ILE A 131 -10.95 3.42 18.55
CA ILE A 131 -11.18 3.24 18.80
C ILE A 131 -11.27 3.82 17.12
C ILE A 131 -11.48 3.75 17.39
N PHE A 132 -10.75 3.09 16.11
N PHE A 132 -11.11 2.99 16.36
CA PHE A 132 -11.12 3.35 14.73
CA PHE A 132 -11.41 3.37 14.97
C PHE A 132 -12.49 2.76 14.36
C PHE A 132 -12.80 2.91 14.53
N GLY A 133 -13.08 1.94 15.22
N GLY A 133 -13.49 2.10 15.33
CA GLY A 133 -14.49 1.64 15.12
CA GLY A 133 -14.92 1.82 15.16
C GLY A 133 -14.91 0.51 14.20
C GLY A 133 -15.29 0.60 14.35
N ALA A 134 -13.98 -0.17 13.54
N ALA A 134 -14.39 0.04 13.52
CA ALA A 134 -14.36 -1.29 12.70
CA ALA A 134 -14.79 -1.10 12.70
C ALA A 134 -14.50 -2.58 13.53
C ALA A 134 -14.74 -2.42 13.49
N ASP A 135 -15.14 -3.57 12.93
N ASP A 135 -15.42 -3.45 12.94
CA ASP A 135 -15.25 -4.89 13.56
CA ASP A 135 -15.51 -4.76 13.59
C ASP A 135 -13.92 -5.61 13.45
C ASP A 135 -14.18 -5.51 13.49
N PRO A 136 -13.25 -5.93 14.55
N PRO A 136 -13.59 -5.96 14.60
CA PRO A 136 -11.92 -6.58 14.45
CA PRO A 136 -12.28 -6.64 14.54
C PRO A 136 -11.97 -7.94 13.76
C PRO A 136 -12.31 -7.97 13.78
N ILE A 137 -13.09 -8.67 13.85
N ILE A 137 -13.42 -8.71 13.81
CA ILE A 137 -13.20 -9.92 13.11
CA ILE A 137 -13.48 -9.98 13.09
C ILE A 137 -13.14 -9.66 11.59
C ILE A 137 -13.32 -9.75 11.59
N HIS A 138 -13.88 -8.64 11.10
CA HIS A 138 -13.74 -8.26 9.70
C HIS A 138 -12.32 -7.83 9.37
N SER A 139 -11.69 -7.04 10.23
CA SER A 139 -10.33 -6.61 9.99
C SER A 139 -9.39 -7.80 9.84
N LEU A 140 -9.54 -8.80 10.71
CA LEU A 140 -8.70 -9.99 10.60
C LEU A 140 -8.92 -10.72 9.29
N ARG A 141 -10.18 -10.81 8.83
CA ARG A 141 -10.47 -11.48 7.57
C ARG A 141 -9.80 -10.73 6.41
N VAL A 142 -9.92 -9.41 6.38
CA VAL A 142 -9.28 -8.63 5.32
C VAL A 142 -7.76 -8.81 5.38
N CYS A 143 -7.19 -8.80 6.57
CA CYS A 143 -5.75 -9.02 6.71
C CYS A 143 -5.34 -10.33 6.06
N VAL A 144 -6.00 -11.43 6.44
CA VAL A 144 -5.64 -12.75 5.93
C VAL A 144 -5.81 -12.82 4.42
N ASP A 145 -6.82 -12.16 3.88
CA ASP A 145 -7.10 -12.20 2.45
C ASP A 145 -6.33 -11.17 1.64
N THR A 146 -5.53 -10.32 2.28
CA THR A 146 -4.81 -9.25 1.57
C THR A 146 -3.30 -9.32 1.76
N VAL A 147 -2.83 -9.57 2.97
CA VAL A 147 -1.41 -9.56 3.25
C VAL A 147 -0.83 -10.92 2.86
N ARG A 148 0.25 -10.89 2.09
CA ARG A 148 0.96 -12.06 1.64
C ARG A 148 2.32 -12.20 2.31
N THR A 149 2.84 -11.14 2.91
CA THR A 149 4.07 -11.18 3.67
C THR A 149 3.76 -11.69 5.09
N ASN A 150 4.80 -11.85 5.90
CA ASN A 150 4.64 -12.49 7.20
C ASN A 150 4.26 -11.47 8.25
N VAL A 151 3.07 -11.60 8.80
CA VAL A 151 2.53 -10.61 9.73
C VAL A 151 2.22 -11.28 11.06
N TYR A 152 2.73 -10.64 12.12
CA TYR A 152 2.56 -11.04 13.51
C TYR A 152 1.61 -10.03 14.17
N LEU A 153 0.38 -10.46 14.42
CA LEU A 153 -0.65 -9.59 14.96
C LEU A 153 -0.67 -9.64 16.48
N ALA A 154 -0.57 -8.44 17.07
N ALA A 154 -0.47 -8.54 17.16
CA ALA A 154 -0.67 -8.25 18.51
CA ALA A 154 -0.54 -8.49 18.62
C ALA A 154 -2.05 -7.71 18.84
C ALA A 154 -1.89 -7.90 19.00
N VAL A 155 -2.78 -8.43 19.67
N VAL A 155 -2.70 -8.64 19.74
CA VAL A 155 -4.12 -8.04 20.08
CA VAL A 155 -4.06 -8.20 20.10
C VAL A 155 -4.10 -7.79 21.58
C VAL A 155 -4.12 -7.98 21.62
N PHE A 156 -4.31 -6.53 21.98
N PHE A 156 -4.25 -6.71 22.04
CA PHE A 156 -4.14 -6.14 23.38
CA PHE A 156 -4.20 -6.32 23.46
C PHE A 156 -5.17 -6.82 24.30
C PHE A 156 -5.35 -6.95 24.25
N ASP A 157 -6.42 -6.89 23.86
N ASP A 157 -6.59 -6.74 23.81
CA ASP A 157 -7.51 -7.36 24.72
CA ASP A 157 -7.78 -7.23 24.51
C ASP A 157 -7.63 -8.88 24.66
C ASP A 157 -7.78 -8.75 24.61
N LYS A 158 -7.44 -9.53 25.81
N LYS A 158 -7.67 -9.28 25.84
CA LYS A 158 -7.47 -10.99 25.85
CA LYS A 158 -7.67 -10.74 26.01
C LYS A 158 -8.84 -11.51 25.42
C LYS A 158 -9.01 -11.33 25.59
N ASN A 159 -9.92 -10.87 25.88
N ASN A 159 -10.12 -10.63 25.88
CA ASN A 159 -11.26 -11.30 25.48
CA ASN A 159 -11.45 -11.13 25.55
C ASN A 159 -11.45 -11.26 23.97
C ASN A 159 -11.70 -11.10 24.04
N LEU A 160 -11.08 -10.16 23.33
CA LEU A 160 -11.21 -10.07 21.88
C LEU A 160 -10.33 -11.10 21.18
N TYR A 161 -9.10 -11.27 21.67
CA TYR A 161 -8.21 -12.30 21.13
C TYR A 161 -8.91 -13.67 21.08
N ASP A 162 -9.51 -14.07 22.20
CA ASP A 162 -10.19 -15.38 22.24
C ASP A 162 -11.32 -15.44 21.23
N LYS A 163 -12.07 -14.35 21.09
CA LYS A 163 -13.16 -14.33 20.11
C LYS A 163 -12.63 -14.41 18.67
N LEU A 164 -11.52 -13.71 18.40
CA LEU A 164 -10.94 -13.74 17.05
C LEU A 164 -10.48 -15.14 16.68
N VAL A 165 -9.82 -15.83 17.61
CA VAL A 165 -9.36 -17.20 17.35
C VAL A 165 -10.55 -18.13 17.18
N SER A 166 -11.49 -18.10 18.13
CA SER A 166 -12.59 -19.06 18.13
C SER A 166 -13.49 -18.92 16.91
N SER A 167 -13.58 -17.72 16.34
CA SER A 167 -14.46 -17.47 15.20
C SER A 167 -13.73 -17.50 13.87
N PHE A 168 -12.43 -17.80 13.88
CA PHE A 168 -11.64 -17.72 12.64
C PHE A 168 -11.98 -18.87 11.72
N LEU A 169 -12.23 -18.55 10.45
CA LEU A 169 -12.54 -19.57 9.47
C LEU A 169 -11.28 -19.91 8.67
N SER B 1 -11.69 23.80 -17.11
CA SER B 1 -10.62 22.88 -17.63
C SER B 1 -10.98 21.40 -17.59
N MET B 2 -10.45 20.69 -18.61
N MET B 2 -10.43 20.70 -18.55
CA MET B 2 -10.68 19.27 -18.80
CA MET B 2 -10.68 19.29 -18.83
C MET B 2 -9.46 18.50 -18.32
C MET B 2 -9.48 18.47 -18.37
N VAL B 3 -9.64 17.70 -17.29
CA VAL B 3 -8.65 16.73 -16.82
C VAL B 3 -9.34 15.36 -16.77
N ASN B 4 -8.55 14.31 -16.89
CA ASN B 4 -9.07 12.94 -16.85
C ASN B 4 -10.21 12.71 -17.85
N SER B 5 -10.03 13.24 -19.06
CA SER B 5 -11.05 13.13 -20.11
C SER B 5 -10.72 11.95 -21.02
N PHE B 6 -10.92 10.75 -20.47
CA PHE B 6 -10.65 9.51 -21.19
C PHE B 6 -11.81 9.22 -22.15
N SER B 7 -11.47 8.89 -23.39
CA SER B 7 -12.46 8.56 -24.41
C SER B 7 -12.01 7.43 -25.31
N GLY B 8 -12.99 6.63 -25.74
CA GLY B 8 -12.78 5.53 -26.67
C GLY B 8 -12.23 4.29 -26.00
N TYR B 9 -12.38 4.19 -24.68
CA TYR B 9 -11.94 2.99 -23.97
C TYR B 9 -13.02 1.92 -23.95
N LEU B 10 -12.57 0.68 -24.00
CA LEU B 10 -13.41 -0.50 -23.90
C LEU B 10 -13.41 -0.94 -22.44
N LYS B 11 -14.59 -1.15 -21.92
N LYS B 11 -14.60 -1.12 -21.87
CA LYS B 11 -14.76 -1.57 -20.53
CA LYS B 11 -14.76 -1.55 -20.49
C LYS B 11 -14.50 -3.07 -20.40
C LYS B 11 -14.49 -3.05 -20.40
N LEU B 12 -13.56 -3.44 -19.52
CA LEU B 12 -13.31 -4.85 -19.22
C LEU B 12 -14.00 -5.28 -17.94
N THR B 13 -13.90 -4.46 -16.90
CA THR B 13 -14.58 -4.67 -15.64
C THR B 13 -15.13 -3.32 -15.20
N ASP B 14 -15.78 -3.29 -14.04
CA ASP B 14 -16.35 -2.03 -13.58
C ASP B 14 -15.29 -0.96 -13.37
N ASN B 15 -14.02 -1.33 -13.21
CA ASN B 15 -12.98 -0.34 -12.95
C ASN B 15 -11.77 -0.41 -13.88
N VAL B 16 -11.74 -1.34 -14.84
CA VAL B 16 -10.59 -1.50 -15.73
C VAL B 16 -11.06 -1.29 -17.16
N TYR B 17 -10.39 -0.36 -17.86
CA TYR B 17 -10.72 0.05 -19.21
C TYR B 17 -9.47 -0.08 -20.07
N ILE B 18 -9.64 -0.28 -21.38
CA ILE B 18 -8.47 -0.51 -22.24
C ILE B 18 -8.68 0.16 -23.59
N LYS B 19 -7.57 0.63 -24.19
CA LYS B 19 -7.61 1.33 -25.47
C LYS B 19 -6.34 1.02 -26.24
N ASN B 20 -6.45 0.91 -27.56
CA ASN B 20 -5.29 0.83 -28.43
C ASN B 20 -4.80 2.25 -28.67
N ALA B 21 -3.69 2.62 -28.01
CA ALA B 21 -3.25 4.01 -28.02
C ALA B 21 -1.78 4.08 -27.57
N ASP B 22 -1.11 5.14 -28.04
CA ASP B 22 0.21 5.55 -27.58
C ASP B 22 0.05 6.33 -26.29
N ILE B 23 0.61 5.81 -25.18
CA ILE B 23 0.37 6.39 -23.86
C ILE B 23 0.82 7.85 -23.76
N VAL B 24 1.87 8.24 -24.50
CA VAL B 24 2.30 9.64 -24.48
C VAL B 24 1.25 10.52 -25.14
N GLU B 25 0.78 10.12 -26.32
CA GLU B 25 -0.28 10.88 -27.00
C GLU B 25 -1.55 10.90 -26.15
N GLU B 26 -1.87 9.78 -25.51
CA GLU B 26 -3.04 9.73 -24.65
C GLU B 26 -2.90 10.70 -23.49
N ALA B 27 -1.73 10.70 -22.83
CA ALA B 27 -1.52 11.59 -21.70
C ALA B 27 -1.71 13.04 -22.10
N LYS B 28 -1.16 13.43 -23.27
CA LYS B 28 -1.29 14.82 -23.69
C LYS B 28 -2.74 15.21 -24.00
N LYS B 29 -3.54 14.26 -24.48
CA LYS B 29 -4.96 14.51 -24.80
C LYS B 29 -5.85 14.47 -23.55
N VAL B 30 -5.69 13.44 -22.72
CA VAL B 30 -6.57 13.15 -21.59
C VAL B 30 -6.31 14.10 -20.43
N LYS B 31 -5.08 14.59 -20.31
N LYS B 31 -5.10 14.55 -20.30
CA LYS B 31 -4.64 15.38 -19.17
CA LYS B 31 -4.70 15.40 -19.19
C LYS B 31 -4.95 14.68 -17.84
C LYS B 31 -4.99 14.67 -17.87
N PRO B 32 -4.38 13.50 -17.63
CA PRO B 32 -4.69 12.74 -16.41
C PRO B 32 -4.02 13.32 -15.18
N THR B 33 -4.66 13.13 -14.03
CA THR B 33 -4.01 13.43 -12.76
C THR B 33 -2.77 12.57 -12.57
N VAL B 34 -2.82 11.30 -12.99
CA VAL B 34 -1.72 10.37 -12.78
C VAL B 34 -1.46 9.59 -14.07
N VAL B 35 -0.21 9.62 -14.55
CA VAL B 35 0.26 8.66 -15.53
C VAL B 35 1.25 7.72 -14.84
N VAL B 36 1.12 6.43 -15.11
CA VAL B 36 2.02 5.42 -14.55
C VAL B 36 3.19 5.20 -15.49
N ASN B 37 4.40 5.20 -14.92
CA ASN B 37 5.60 4.80 -15.64
C ASN B 37 5.97 3.37 -15.27
N ALA B 38 6.38 2.60 -16.28
CA ALA B 38 6.97 1.27 -16.13
C ALA B 38 8.45 1.44 -15.77
N ALA B 39 8.68 1.72 -14.47
CA ALA B 39 9.99 2.10 -13.95
C ALA B 39 10.82 0.90 -13.53
N ASN B 40 12.11 1.17 -13.32
CA ASN B 40 13.02 0.25 -12.64
C ASN B 40 13.49 0.90 -11.33
N VAL B 41 14.20 0.13 -10.50
CA VAL B 41 14.46 0.57 -9.13
C VAL B 41 15.33 1.82 -9.06
N TYR B 42 16.18 2.06 -10.07
CA TYR B 42 17.02 3.25 -10.08
C TYR B 42 16.46 4.37 -10.95
N LEU B 43 15.22 4.21 -11.41
CA LEU B 43 14.55 5.25 -12.20
C LEU B 43 15.41 5.68 -13.37
N LYS B 44 16.01 4.71 -14.06
CA LYS B 44 16.78 4.95 -15.28
C LYS B 44 15.85 4.67 -16.46
N HIS B 45 15.40 5.74 -17.11
CA HIS B 45 14.29 5.67 -18.07
C HIS B 45 14.83 5.48 -19.49
N GLY B 46 15.34 4.28 -19.75
CA GLY B 46 16.01 4.02 -21.01
C GLY B 46 15.12 3.60 -22.17
N GLY B 47 14.26 2.62 -21.95
CA GLY B 47 13.60 1.91 -23.02
C GLY B 47 12.10 1.81 -22.78
N GLY B 48 11.40 1.28 -23.78
CA GLY B 48 9.98 1.04 -23.64
C GLY B 48 9.23 2.28 -23.19
N VAL B 49 8.24 2.07 -22.30
CA VAL B 49 7.39 3.16 -21.84
C VAL B 49 8.23 4.24 -21.17
N ALA B 50 9.16 3.85 -20.29
CA ALA B 50 9.90 4.86 -19.53
C ALA B 50 10.73 5.75 -20.46
N GLY B 51 11.35 5.14 -21.48
CA GLY B 51 12.10 5.96 -22.42
C GLY B 51 11.21 6.93 -23.17
N ALA B 52 10.03 6.49 -23.56
CA ALA B 52 9.11 7.36 -24.29
C ALA B 52 8.58 8.49 -23.41
N LEU B 53 8.19 8.19 -22.17
CA LEU B 53 7.72 9.25 -21.28
C LEU B 53 8.84 10.26 -21.03
N ASN B 54 10.05 9.78 -20.74
CA ASN B 54 11.14 10.70 -20.45
C ASN B 54 11.45 11.57 -21.64
N LYS B 55 11.49 10.98 -22.84
CA LYS B 55 11.73 11.75 -24.06
C LYS B 55 10.69 12.85 -24.23
N ALA B 56 9.42 12.56 -23.94
CA ALA B 56 8.37 13.55 -24.10
C ALA B 56 8.60 14.73 -23.17
N THR B 57 9.22 14.50 -22.01
CA THR B 57 9.53 15.57 -21.06
C THR B 57 10.86 16.26 -21.38
N ASN B 58 11.49 15.93 -22.52
CA ASN B 58 12.79 16.53 -22.86
C ASN B 58 13.82 16.28 -21.76
N ASN B 59 13.79 15.08 -21.18
CA ASN B 59 14.75 14.58 -20.18
C ASN B 59 14.51 15.20 -18.78
N ALA B 60 13.49 16.04 -18.60
CA ALA B 60 13.25 16.59 -17.27
C ALA B 60 12.90 15.50 -16.27
N MET B 61 12.19 14.47 -16.71
CA MET B 61 11.85 13.36 -15.82
C MET B 61 13.11 12.67 -15.31
N GLN B 62 14.10 12.45 -16.19
CA GLN B 62 15.34 11.78 -15.77
C GLN B 62 16.12 12.64 -14.77
N VAL B 63 16.20 13.95 -15.01
CA VAL B 63 16.93 14.83 -14.09
C VAL B 63 16.26 14.78 -12.72
N GLU B 64 14.94 14.90 -12.68
CA GLU B 64 14.20 14.84 -11.43
C GLU B 64 14.39 13.49 -10.74
N SER B 65 14.36 12.41 -11.53
CA SER B 65 14.51 11.06 -11.00
C SER B 65 15.89 10.85 -10.37
N ASP B 66 16.95 11.32 -11.04
CA ASP B 66 18.29 11.15 -10.48
C ASP B 66 18.42 11.88 -9.14
N ASP B 67 17.80 13.05 -9.02
CA ASP B 67 17.81 13.76 -7.75
C ASP B 67 17.03 12.99 -6.68
N TYR B 68 15.87 12.42 -7.05
CA TYR B 68 15.11 11.59 -6.12
C TYR B 68 15.98 10.43 -5.60
N ILE B 69 16.70 9.76 -6.51
CA ILE B 69 17.53 8.62 -6.12
C ILE B 69 18.67 9.07 -5.20
N ALA B 70 19.29 10.22 -5.50
CA ALA B 70 20.37 10.70 -4.64
C ALA B 70 19.87 10.89 -3.21
N THR B 71 18.65 11.38 -3.05
CA THR B 71 18.10 11.68 -1.74
C THR B 71 17.57 10.43 -1.03
N ASN B 72 16.95 9.51 -1.77
CA ASN B 72 16.15 8.42 -1.20
C ASN B 72 16.69 7.02 -1.46
N GLY B 73 17.63 6.84 -2.38
CA GLY B 73 18.05 5.53 -2.78
C GLY B 73 17.04 4.83 -3.67
N PRO B 74 17.37 3.63 -4.12
CA PRO B 74 16.53 2.93 -5.09
C PRO B 74 15.22 2.46 -4.46
N LEU B 75 14.22 2.30 -5.33
CA LEU B 75 12.96 1.69 -4.96
C LEU B 75 13.15 0.19 -4.76
N LYS B 76 12.13 -0.46 -4.20
CA LYS B 76 12.00 -1.91 -4.17
C LYS B 76 11.23 -2.37 -5.40
N VAL B 77 11.59 -3.57 -5.92
CA VAL B 77 10.71 -4.21 -6.90
C VAL B 77 9.36 -4.44 -6.25
N GLY B 78 8.29 -3.99 -6.92
CA GLY B 78 6.95 -3.99 -6.36
C GLY B 78 6.55 -2.68 -5.74
N GLY B 79 7.48 -1.74 -5.59
CA GLY B 79 7.23 -0.45 -4.99
C GLY B 79 7.01 0.66 -6.02
N SER B 80 6.86 1.89 -5.50
CA SER B 80 6.57 3.04 -6.35
C SER B 80 6.98 4.33 -5.66
N CYS B 81 7.04 5.39 -6.46
CA CYS B 81 7.11 6.75 -5.91
C CYS B 81 6.33 7.68 -6.82
N VAL B 82 5.86 8.78 -6.24
CA VAL B 82 5.14 9.82 -6.96
C VAL B 82 6.10 10.97 -7.23
N LEU B 83 6.24 11.33 -8.50
CA LEU B 83 7.02 12.49 -8.91
C LEU B 83 6.17 13.36 -9.83
N SER B 84 6.75 14.42 -10.36
CA SER B 84 6.00 15.30 -11.26
C SER B 84 5.62 14.56 -12.55
N GLY B 85 4.49 14.96 -13.13
CA GLY B 85 4.09 14.51 -14.44
C GLY B 85 4.51 15.42 -15.57
N HIS B 86 5.19 16.55 -15.30
CA HIS B 86 5.79 17.39 -16.36
C HIS B 86 4.72 17.82 -17.35
N ASN B 87 4.90 17.59 -18.64
CA ASN B 87 3.93 17.95 -19.66
C ASN B 87 2.95 16.82 -19.97
N LEU B 88 2.92 15.77 -19.14
CA LEU B 88 2.10 14.59 -19.39
C LEU B 88 0.93 14.45 -18.43
N ALA B 89 1.07 14.93 -17.20
CA ALA B 89 0.08 14.64 -16.16
C ALA B 89 0.42 15.52 -14.97
N LYS B 90 -0.50 15.59 -14.01
CA LYS B 90 -0.14 16.26 -12.77
C LYS B 90 1.01 15.53 -12.08
N HIS B 91 0.89 14.21 -11.98
CA HIS B 91 1.86 13.35 -11.32
C HIS B 91 2.23 12.19 -12.21
N CYS B 92 3.46 11.71 -12.07
CA CYS B 92 3.86 10.40 -12.59
C CYS B 92 4.06 9.46 -11.42
N LEU B 93 3.34 8.35 -11.43
CA LEU B 93 3.53 7.26 -10.49
C LEU B 93 4.51 6.26 -11.10
N HIS B 94 5.74 6.26 -10.61
CA HIS B 94 6.79 5.35 -11.09
C HIS B 94 6.60 4.03 -10.35
N VAL B 95 6.19 2.96 -11.05
CA VAL B 95 5.91 1.67 -10.43
C VAL B 95 6.88 0.64 -10.99
N VAL B 96 7.51 -0.12 -10.10
CA VAL B 96 8.48 -1.13 -10.49
C VAL B 96 7.81 -2.51 -10.48
N GLY B 97 7.47 -3.02 -11.66
CA GLY B 97 7.08 -4.40 -11.81
C GLY B 97 8.31 -5.28 -11.93
N PRO B 98 8.18 -6.57 -11.66
CA PRO B 98 9.30 -7.48 -11.86
C PRO B 98 9.66 -7.60 -13.33
N ASN B 99 10.97 -7.61 -13.60
CA ASN B 99 11.51 -7.79 -14.95
C ASN B 99 11.92 -9.27 -15.09
N VAL B 100 11.05 -10.05 -15.75
CA VAL B 100 11.30 -11.48 -15.98
C VAL B 100 12.54 -11.68 -16.86
N ASN B 101 12.83 -10.73 -17.78
CA ASN B 101 14.04 -10.81 -18.59
C ASN B 101 15.31 -10.64 -17.77
N LYS B 102 15.18 -10.21 -16.52
CA LYS B 102 16.29 -10.13 -15.58
C LYS B 102 16.16 -11.16 -14.46
N GLY B 103 15.23 -12.09 -14.59
CA GLY B 103 15.05 -13.18 -13.65
C GLY B 103 14.32 -12.83 -12.37
N GLU B 104 13.55 -11.73 -12.36
CA GLU B 104 12.85 -11.32 -11.15
C GLU B 104 11.54 -12.07 -11.02
N ASP B 105 11.07 -12.22 -9.78
CA ASP B 105 9.94 -13.11 -9.49
C ASP B 105 8.64 -12.46 -9.97
N ILE B 106 8.00 -13.08 -10.95
CA ILE B 106 6.72 -12.64 -11.49
C ILE B 106 5.66 -12.53 -10.38
N GLN B 107 5.84 -13.25 -9.27
CA GLN B 107 4.92 -13.17 -8.15
C GLN B 107 4.82 -11.75 -7.57
N LEU B 108 5.85 -10.91 -7.78
CA LEU B 108 5.85 -9.52 -7.29
C LEU B 108 4.96 -8.59 -8.09
N LEU B 109 4.36 -9.09 -9.16
CA LEU B 109 3.50 -8.26 -10.00
C LEU B 109 2.25 -7.81 -9.24
N LYS B 110 1.71 -8.64 -8.37
CA LYS B 110 0.52 -8.22 -7.62
C LYS B 110 0.87 -7.04 -6.71
N SER B 111 1.98 -7.13 -5.98
CA SER B 111 2.42 -6.01 -5.14
C SER B 111 2.58 -4.74 -5.97
N ALA B 112 3.16 -4.86 -7.16
CA ALA B 112 3.34 -3.69 -8.02
C ALA B 112 1.98 -3.05 -8.35
N TYR B 113 1.00 -3.86 -8.75
CA TYR B 113 -0.32 -3.31 -9.07
C TYR B 113 -1.02 -2.70 -7.87
N GLU B 114 -0.76 -3.20 -6.65
CA GLU B 114 -1.41 -2.64 -5.47
C GLU B 114 -1.11 -1.15 -5.32
N ASN B 115 0.01 -0.67 -5.86
CA ASN B 115 0.30 0.76 -5.79
C ASN B 115 -0.79 1.59 -6.49
N PHE B 116 -1.45 1.02 -7.51
CA PHE B 116 -2.46 1.77 -8.23
C PHE B 116 -3.64 2.12 -7.33
N ASN B 117 -3.90 1.31 -6.29
CA ASN B 117 -5.06 1.52 -5.43
C ASN B 117 -4.93 2.78 -4.57
N GLN B 118 -3.77 3.42 -4.53
CA GLN B 118 -3.59 4.67 -3.82
C GLN B 118 -4.02 5.89 -4.65
N HIS B 119 -4.58 5.69 -5.85
CA HIS B 119 -4.96 6.77 -6.76
C HIS B 119 -6.33 6.46 -7.33
N GLU B 120 -7.24 7.43 -7.29
CA GLU B 120 -8.62 7.15 -7.69
C GLU B 120 -8.75 6.85 -9.18
N VAL B 121 -7.91 7.46 -10.02
CA VAL B 121 -7.94 7.25 -11.47
C VAL B 121 -6.52 7.41 -12.03
N LEU B 122 -6.14 6.51 -12.93
CA LEU B 122 -4.80 6.47 -13.51
C LEU B 122 -4.86 6.11 -14.99
N LEU B 123 -3.95 6.71 -15.77
CA LEU B 123 -3.59 6.25 -17.11
C LEU B 123 -2.34 5.39 -16.97
N ALA B 124 -2.36 4.17 -17.51
CA ALA B 124 -1.28 3.24 -17.21
C ALA B 124 -0.96 2.29 -18.36
N PRO B 125 0.28 1.79 -18.40
CA PRO B 125 0.62 0.63 -19.23
C PRO B 125 0.41 -0.65 -18.42
N LEU B 126 0.45 -1.79 -19.11
CA LEU B 126 0.47 -3.08 -18.43
C LEU B 126 1.84 -3.30 -17.79
N LEU B 127 1.86 -3.52 -16.49
CA LEU B 127 3.12 -3.67 -15.77
C LEU B 127 3.79 -4.99 -16.14
N SER B 128 5.11 -4.95 -16.18
CA SER B 128 5.97 -6.08 -16.47
C SER B 128 5.84 -6.59 -17.90
N ALA B 129 5.04 -5.92 -18.75
CA ALA B 129 4.91 -6.30 -20.15
C ALA B 129 6.10 -5.80 -20.97
N GLY B 130 6.09 -6.16 -22.24
CA GLY B 130 7.03 -5.60 -23.20
C GLY B 130 8.45 -5.97 -22.84
N ILE B 131 9.30 -4.94 -22.70
CA ILE B 131 10.71 -5.17 -22.46
C ILE B 131 10.96 -5.80 -21.10
N PHE B 132 9.96 -5.82 -20.21
CA PHE B 132 10.09 -6.48 -18.91
C PHE B 132 9.81 -7.99 -18.99
N GLY B 133 9.25 -8.49 -20.10
CA GLY B 133 9.26 -9.92 -20.40
C GLY B 133 8.12 -10.77 -19.85
N ALA B 134 7.17 -10.22 -19.10
CA ALA B 134 6.04 -11.03 -18.65
C ALA B 134 5.01 -11.18 -19.76
N ASP B 135 4.17 -12.20 -19.62
CA ASP B 135 3.05 -12.41 -20.53
C ASP B 135 2.04 -11.28 -20.33
N PRO B 136 1.76 -10.45 -21.34
CA PRO B 136 0.79 -9.36 -21.12
C PRO B 136 -0.59 -9.86 -20.75
N ILE B 137 -0.98 -11.06 -21.19
CA ILE B 137 -2.27 -11.63 -20.79
C ILE B 137 -2.29 -11.84 -19.29
N HIS B 138 -1.19 -12.33 -18.73
CA HIS B 138 -1.09 -12.47 -17.28
C HIS B 138 -1.08 -11.12 -16.58
N SER B 139 -0.41 -10.13 -17.16
CA SER B 139 -0.38 -8.83 -16.51
C SER B 139 -1.78 -8.25 -16.43
N LEU B 140 -2.58 -8.40 -17.48
CA LEU B 140 -3.95 -7.91 -17.46
C LEU B 140 -4.77 -8.66 -16.41
N ARG B 141 -4.57 -9.97 -16.30
CA ARG B 141 -5.21 -10.77 -15.26
C ARG B 141 -4.93 -10.21 -13.87
N VAL B 142 -3.65 -10.02 -13.56
CA VAL B 142 -3.28 -9.51 -12.24
C VAL B 142 -3.85 -8.11 -12.03
N CYS B 143 -3.82 -7.28 -13.07
CA CYS B 143 -4.40 -5.94 -12.97
C CYS B 143 -5.87 -6.02 -12.56
N VAL B 144 -6.65 -6.80 -13.29
CA VAL B 144 -8.08 -6.88 -13.00
C VAL B 144 -8.35 -7.46 -11.63
N ASP B 145 -7.52 -8.38 -11.18
CA ASP B 145 -7.75 -9.05 -9.91
C ASP B 145 -7.16 -8.29 -8.74
N THR B 146 -6.44 -7.19 -8.98
CA THR B 146 -5.77 -6.44 -7.92
C THR B 146 -6.22 -4.99 -7.81
N VAL B 147 -6.37 -4.30 -8.94
CA VAL B 147 -6.68 -2.88 -8.93
C VAL B 147 -8.17 -2.73 -8.74
N ARG B 148 -8.56 -1.84 -7.82
CA ARG B 148 -9.95 -1.53 -7.54
C ARG B 148 -10.32 -0.10 -7.91
N THR B 149 -9.32 0.78 -8.06
CA THR B 149 -9.53 2.14 -8.53
C THR B 149 -9.63 2.12 -10.05
N ASN B 150 -9.91 3.27 -10.65
CA ASN B 150 -10.22 3.33 -12.07
C ASN B 150 -8.93 3.41 -12.88
N VAL B 151 -8.65 2.37 -13.65
CA VAL B 151 -7.41 2.31 -14.43
C VAL B 151 -7.74 2.21 -15.91
N TYR B 152 -7.13 3.11 -16.68
CA TYR B 152 -7.28 3.24 -18.12
C TYR B 152 -5.96 2.77 -18.73
N LEU B 153 -5.97 1.59 -19.34
CA LEU B 153 -4.79 0.95 -19.90
C LEU B 153 -4.61 1.34 -21.37
N ALA B 154 -3.41 1.76 -21.72
CA ALA B 154 -3.04 2.09 -23.09
C ALA B 154 -2.12 0.99 -23.62
N VAL B 155 -2.53 0.38 -24.73
CA VAL B 155 -1.78 -0.68 -25.39
C VAL B 155 -1.43 -0.18 -26.78
N PHE B 156 -0.14 -0.05 -27.06
CA PHE B 156 0.31 0.57 -28.32
C PHE B 156 0.00 -0.28 -29.55
N ASP B 157 0.35 -1.56 -29.52
CA ASP B 157 0.21 -2.39 -30.72
C ASP B 157 -1.23 -2.90 -30.84
N LYS B 158 -1.92 -2.54 -31.94
CA LYS B 158 -3.27 -3.04 -32.22
C LYS B 158 -3.35 -4.56 -32.12
N ASN B 159 -2.33 -5.28 -32.60
CA ASN B 159 -2.40 -6.74 -32.59
C ASN B 159 -2.31 -7.30 -31.16
N LEU B 160 -1.55 -6.66 -30.27
CA LEU B 160 -1.55 -7.09 -28.88
C LEU B 160 -2.85 -6.71 -28.20
N TYR B 161 -3.36 -5.50 -28.50
CA TYR B 161 -4.65 -5.09 -27.97
C TYR B 161 -5.72 -6.12 -28.30
N ASP B 162 -5.78 -6.54 -29.58
CA ASP B 162 -6.77 -7.53 -29.99
C ASP B 162 -6.59 -8.85 -29.25
N LYS B 163 -5.33 -9.29 -29.08
CA LYS B 163 -5.08 -10.52 -28.34
C LYS B 163 -5.55 -10.42 -26.88
N LEU B 164 -5.34 -9.26 -26.26
CA LEU B 164 -5.74 -9.04 -24.88
C LEU B 164 -7.27 -9.01 -24.73
N VAL B 165 -7.95 -8.24 -25.60
CA VAL B 165 -9.40 -8.11 -25.51
C VAL B 165 -10.08 -9.43 -25.87
N SER B 166 -9.63 -10.05 -26.96
CA SER B 166 -10.31 -11.22 -27.50
C SER B 166 -10.19 -12.40 -26.54
N SER B 167 -9.11 -12.47 -25.75
CA SER B 167 -8.87 -13.56 -24.82
C SER B 167 -9.32 -13.27 -23.38
N PHE B 168 -9.74 -12.03 -23.07
CA PHE B 168 -10.11 -11.70 -21.70
C PHE B 168 -11.36 -12.44 -21.27
N LEU B 169 -12.28 -12.62 -22.20
CA LEU B 169 -13.57 -13.26 -21.95
C LEU B 169 -14.07 -14.05 -23.16
#